data_2NWH
#
_entry.id   2NWH
#
_cell.length_a   75.930
_cell.length_b   75.930
_cell.length_c   103.608
_cell.angle_alpha   90.00
_cell.angle_beta   90.00
_cell.angle_gamma   120.00
#
_symmetry.space_group_name_H-M   'P 32 2 1'
#
loop_
_entity.id
_entity.type
_entity.pdbx_description
1 polymer 'carbohydrate kinase'
2 non-polymer 'CALCIUM ION'
3 non-polymer 'CHLORIDE ION'
4 non-polymer 'SODIUM ION'
5 water water
#
_entity_poly.entity_id   1
_entity_poly.type   'polypeptide(L)'
_entity_poly.pdbx_seq_one_letter_code
;GHMKKILVLGGAHIDRRGMIETETAPGASNPGSWMEEAGGGGFNAARNLSRLGFEVRIIAPRGGDVTGEVVAEAARQAGV
EDTPFTFLDRRTPSYTAILERDGNLVIALADMDLYKLFTPRRLKVRAVREAIIASDFLLCDANLPEDTLTALGLIARACE
KPLAAIAISPAKAVKLKAALGDIDILFMNEAEARALTGETAENVRDWPNILRKAGLSGGVVTRGASEVVAFNGTEKAILH
PPLIREVKDVTGAGDAMASGYLAAIAEGKTIREALRQGAAAAAITVQSSFATSQDLSKDSVEAMLGLVPQAEMLAGS
;
_entity_poly.pdbx_strand_id   A
#
# COMPACT_ATOMS: atom_id res chain seq x y z
N MET A 3 -13.61 -1.35 14.41
N MET A 3 -14.87 -0.87 14.49
CA MET A 3 -13.34 -0.77 13.03
CA MET A 3 -13.92 -0.75 13.33
C MET A 3 -13.70 -1.74 11.91
C MET A 3 -14.15 -1.83 12.26
N LYS A 4 -14.75 -1.41 11.16
CA LYS A 4 -15.26 -2.31 10.13
C LYS A 4 -15.04 -1.72 8.75
N LYS A 5 -15.06 -0.40 8.68
CA LYS A 5 -15.09 0.29 7.39
C LYS A 5 -13.83 1.11 7.18
N ILE A 6 -13.14 0.86 6.06
CA ILE A 6 -11.90 1.53 5.81
C ILE A 6 -12.05 2.26 4.50
N LEU A 7 -11.72 3.55 4.50
CA LEU A 7 -11.71 4.32 3.27
C LEU A 7 -10.28 4.59 2.84
N VAL A 8 -9.99 4.27 1.58
CA VAL A 8 -8.66 4.44 0.99
C VAL A 8 -8.68 5.59 0.01
N LEU A 9 -7.75 6.51 0.15
CA LEU A 9 -7.59 7.63 -0.80
C LEU A 9 -6.17 7.58 -1.34
N GLY A 10 -6.03 7.27 -2.62
CA GLY A 10 -4.71 6.95 -3.13
C GLY A 10 -4.76 6.58 -4.59
N GLY A 11 -3.73 5.86 -5.02
CA GLY A 11 -3.55 5.54 -6.39
C GLY A 11 -4.19 4.24 -6.75
N ALA A 12 -4.60 4.17 -8.01
CA ALA A 12 -5.17 2.99 -8.57
C ALA A 12 -4.88 3.18 -10.05
N HIS A 13 -3.97 2.36 -10.60
CA HIS A 13 -3.51 2.58 -12.00
C HIS A 13 -3.64 1.25 -12.75
N ILE A 14 -3.52 1.33 -14.07
CA ILE A 14 -3.39 0.15 -14.91
C ILE A 14 -1.90 -0.21 -15.03
N ASP A 15 -1.62 -1.50 -14.87
CA ASP A 15 -0.28 -2.01 -15.02
CA ASP A 15 -0.28 -2.05 -15.00
C ASP A 15 -0.28 -2.88 -16.26
N ARG A 16 0.47 -2.44 -17.27
CA ARG A 16 0.54 -3.13 -18.55
C ARG A 16 1.97 -3.64 -18.75
N ARG A 17 2.09 -4.94 -18.99
CA ARG A 17 3.39 -5.57 -19.10
C ARG A 17 3.45 -6.28 -20.45
N GLY A 18 4.40 -5.86 -21.29
CA GLY A 18 4.61 -6.45 -22.60
C GLY A 18 5.88 -7.29 -22.58
N MET A 19 5.79 -8.55 -22.98
CA MET A 19 6.95 -9.40 -22.96
C MET A 19 7.29 -9.80 -24.37
N ILE A 20 8.56 -9.66 -24.72
CA ILE A 20 9.13 -10.10 -25.97
C ILE A 20 9.11 -11.64 -26.05
N GLU A 21 8.70 -12.12 -27.23
CA GLU A 21 8.48 -13.56 -27.43
C GLU A 21 9.70 -14.32 -27.93
N THR A 22 10.70 -13.61 -28.42
CA THR A 22 11.86 -14.20 -29.09
C THR A 22 13.08 -13.55 -28.45
N GLU A 23 14.25 -13.75 -29.06
CA GLU A 23 15.46 -13.03 -28.66
CA GLU A 23 15.45 -13.03 -28.66
C GLU A 23 15.23 -11.52 -28.85
N THR A 24 15.76 -10.73 -27.94
CA THR A 24 15.61 -9.28 -28.00
C THR A 24 16.44 -8.65 -29.14
N ALA A 25 15.78 -7.79 -29.93
CA ALA A 25 16.45 -6.84 -30.81
C ALA A 25 16.42 -5.46 -30.16
N PRO A 26 17.53 -5.07 -29.50
CA PRO A 26 17.55 -3.78 -28.81
C PRO A 26 17.35 -2.59 -29.76
N GLY A 27 16.71 -1.55 -29.24
CA GLY A 27 16.44 -0.33 -29.98
C GLY A 27 15.63 -0.57 -31.22
N ALA A 28 14.82 -1.63 -31.23
CA ALA A 28 14.08 -2.02 -32.43
C ALA A 28 12.71 -2.68 -32.09
N SER A 29 11.93 -3.03 -33.11
CA SER A 29 10.65 -3.74 -32.89
C SER A 29 10.88 -5.19 -32.54
N ASN A 30 10.02 -5.71 -31.66
CA ASN A 30 10.08 -7.08 -31.23
C ASN A 30 8.66 -7.60 -31.15
N PRO A 31 8.43 -8.86 -31.55
CA PRO A 31 7.09 -9.41 -31.34
C PRO A 31 6.82 -9.66 -29.86
N GLY A 32 5.64 -9.28 -29.44
CA GLY A 32 5.28 -9.41 -28.03
C GLY A 32 3.80 -9.46 -27.79
N SER A 33 3.41 -9.62 -26.54
CA SER A 33 2.03 -9.64 -26.17
C SER A 33 1.89 -8.96 -24.82
N TRP A 34 0.72 -8.42 -24.54
CA TRP A 34 0.50 -7.49 -23.40
C TRP A 34 -0.33 -8.18 -22.34
N MET A 35 0.12 -8.10 -21.08
CA MET A 35 -0.66 -8.59 -19.95
CA MET A 35 -0.66 -8.57 -19.93
C MET A 35 -1.11 -7.28 -19.23
N GLU A 36 -2.38 -7.20 -18.83
CA GLU A 36 -2.84 -5.99 -18.10
C GLU A 36 -3.43 -6.39 -16.73
N GLU A 37 -3.19 -5.59 -15.71
CA GLU A 37 -3.91 -5.77 -14.46
C GLU A 37 -3.92 -4.49 -13.68
N ALA A 38 -4.73 -4.43 -12.65
CA ALA A 38 -4.77 -3.20 -11.85
C ALA A 38 -3.64 -3.21 -10.79
N GLY A 39 -3.21 -2.03 -10.41
CA GLY A 39 -2.21 -1.85 -9.36
C GLY A 39 -2.31 -0.51 -8.68
N GLY A 40 -1.24 -0.12 -7.99
CA GLY A 40 -1.21 1.14 -7.20
C GLY A 40 -1.16 0.78 -5.72
N GLY A 41 -0.30 1.47 -4.97
CA GLY A 41 -0.12 1.12 -3.54
C GLY A 41 -1.43 1.11 -2.78
N GLY A 42 -2.15 2.24 -2.83
CA GLY A 42 -3.45 2.31 -2.14
C GLY A 42 -4.43 1.28 -2.62
N PHE A 43 -4.55 1.12 -3.94
CA PHE A 43 -5.49 0.14 -4.47
C PHE A 43 -5.16 -1.30 -4.03
N ASN A 44 -3.88 -1.63 -4.07
CA ASN A 44 -3.45 -2.99 -3.69
C ASN A 44 -3.74 -3.22 -2.20
N ALA A 45 -3.46 -2.20 -1.37
CA ALA A 45 -3.76 -2.34 0.06
C ALA A 45 -5.28 -2.47 0.27
N ALA A 46 -6.09 -1.74 -0.53
CA ALA A 46 -7.55 -1.79 -0.39
C ALA A 46 -8.03 -3.19 -0.65
N ARG A 47 -7.58 -3.78 -1.76
CA ARG A 47 -7.93 -5.17 -2.07
C ARG A 47 -7.51 -6.06 -0.94
N ASN A 48 -6.32 -5.86 -0.41
CA ASN A 48 -5.83 -6.76 0.66
C ASN A 48 -6.69 -6.67 1.89
N LEU A 49 -7.04 -5.45 2.29
CA LEU A 49 -7.89 -5.26 3.46
C LEU A 49 -9.25 -5.90 3.27
N SER A 50 -9.81 -5.80 2.08
CA SER A 50 -11.08 -6.49 1.76
C SER A 50 -10.96 -8.03 1.87
N ARG A 51 -9.87 -8.55 1.36
CA ARG A 51 -9.54 -10.00 1.46
C ARG A 51 -9.43 -10.49 2.90
N LEU A 52 -9.03 -9.57 3.78
CA LEU A 52 -8.92 -9.84 5.21
C LEU A 52 -10.20 -9.53 5.98
N GLY A 53 -11.28 -9.22 5.27
CA GLY A 53 -12.61 -9.19 5.92
C GLY A 53 -13.21 -7.82 6.16
N PHE A 54 -12.48 -6.75 5.84
CA PHE A 54 -13.00 -5.40 6.09
C PHE A 54 -13.91 -4.94 4.99
N GLU A 55 -14.77 -3.97 5.31
CA GLU A 55 -15.64 -3.36 4.29
C GLU A 55 -14.83 -2.17 3.76
N VAL A 56 -14.31 -2.30 2.54
CA VAL A 56 -13.32 -1.31 2.05
C VAL A 56 -13.91 -0.53 0.90
N ARG A 57 -13.70 0.80 0.93
CA ARG A 57 -14.07 1.69 -0.18
C ARG A 57 -12.80 2.45 -0.61
N ILE A 58 -12.68 2.73 -1.90
CA ILE A 58 -11.53 3.54 -2.39
C ILE A 58 -11.98 4.73 -3.24
N ILE A 59 -11.31 5.86 -3.07
CA ILE A 59 -11.48 7.03 -3.92
C ILE A 59 -10.12 7.27 -4.59
N ALA A 60 -10.06 7.03 -5.91
CA ALA A 60 -8.87 7.32 -6.69
C ALA A 60 -9.21 8.15 -7.93
N PRO A 61 -8.33 9.07 -8.34
CA PRO A 61 -8.53 9.78 -9.62
C PRO A 61 -8.62 8.74 -10.71
N ARG A 62 -9.58 8.91 -11.62
CA ARG A 62 -9.86 7.88 -12.62
C ARG A 62 -10.16 8.60 -13.95
N GLY A 63 -9.74 8.00 -15.05
CA GLY A 63 -10.10 8.51 -16.37
C GLY A 63 -11.46 8.02 -16.91
N GLY A 64 -11.91 8.58 -18.04
CA GLY A 64 -13.14 8.11 -18.63
C GLY A 64 -12.94 6.97 -19.62
N ASP A 65 -12.02 6.06 -19.35
CA ASP A 65 -11.56 5.07 -20.33
C ASP A 65 -11.80 3.61 -19.94
N VAL A 66 -11.57 2.73 -20.90
CA VAL A 66 -11.68 1.30 -20.62
C VAL A 66 -10.63 0.80 -19.62
N THR A 67 -9.44 1.39 -19.60
CA THR A 67 -8.46 0.96 -18.61
C THR A 67 -8.99 1.24 -17.21
N GLY A 68 -9.73 2.33 -17.05
CA GLY A 68 -10.30 2.72 -15.74
C GLY A 68 -11.34 1.69 -15.34
N GLU A 69 -12.07 1.19 -16.33
CA GLU A 69 -13.09 0.16 -16.08
C GLU A 69 -12.45 -1.18 -15.67
N VAL A 70 -11.26 -1.46 -16.19
CA VAL A 70 -10.49 -2.64 -15.78
C VAL A 70 -10.13 -2.53 -14.27
N VAL A 71 -9.72 -1.34 -13.84
CA VAL A 71 -9.42 -1.10 -12.41
C VAL A 71 -10.69 -1.27 -11.57
N ALA A 72 -11.75 -0.62 -12.01
CA ALA A 72 -13.04 -0.79 -11.34
C ALA A 72 -13.44 -2.27 -11.20
N GLU A 73 -13.26 -3.05 -12.26
CA GLU A 73 -13.60 -4.48 -12.21
C GLU A 73 -12.75 -5.26 -11.22
N ALA A 74 -11.44 -4.94 -11.17
CA ALA A 74 -10.53 -5.59 -10.23
C ALA A 74 -10.94 -5.22 -8.79
N ALA A 75 -11.38 -3.97 -8.60
CA ALA A 75 -11.96 -3.55 -7.30
C ALA A 75 -13.16 -4.45 -6.93
N ARG A 76 -14.14 -4.56 -7.82
CA ARG A 76 -15.31 -5.38 -7.58
C ARG A 76 -14.97 -6.84 -7.33
N GLN A 77 -13.98 -7.39 -8.06
CA GLN A 77 -13.56 -8.78 -7.87
CA GLN A 77 -13.57 -8.79 -7.86
C GLN A 77 -13.03 -9.03 -6.46
N ALA A 78 -12.44 -8.00 -5.86
CA ALA A 78 -11.88 -8.13 -4.53
C ALA A 78 -12.87 -7.65 -3.45
N GLY A 79 -14.08 -7.30 -3.87
CA GLY A 79 -15.08 -6.78 -2.89
C GLY A 79 -14.88 -5.34 -2.42
N VAL A 80 -14.05 -4.58 -3.13
CA VAL A 80 -13.79 -3.18 -2.77
C VAL A 80 -14.85 -2.36 -3.46
N GLU A 81 -15.45 -1.45 -2.70
CA GLU A 81 -16.35 -0.42 -3.27
C GLU A 81 -15.53 0.67 -3.95
N ASP A 82 -15.66 0.75 -5.26
CA ASP A 82 -14.90 1.71 -6.08
C ASP A 82 -15.77 2.91 -6.31
N THR A 83 -15.44 4.02 -5.66
CA THR A 83 -16.13 5.31 -5.95
C THR A 83 -15.08 6.29 -6.46
N PRO A 84 -14.80 6.26 -7.78
CA PRO A 84 -13.66 7.00 -8.33
C PRO A 84 -13.90 8.50 -8.44
N PHE A 85 -12.80 9.25 -8.38
CA PHE A 85 -12.83 10.70 -8.70
C PHE A 85 -12.63 10.80 -10.23
N THR A 86 -13.73 10.66 -10.97
CA THR A 86 -13.69 10.49 -12.45
C THR A 86 -13.54 11.79 -13.19
N PHE A 87 -12.60 11.81 -14.15
CA PHE A 87 -12.41 12.94 -15.08
C PHE A 87 -12.55 12.41 -16.48
N LEU A 88 -13.76 12.58 -17.01
CA LEU A 88 -14.19 11.84 -18.20
C LEU A 88 -13.34 12.13 -19.42
N ASP A 89 -12.81 13.36 -19.50
CA ASP A 89 -11.89 13.77 -20.59
C ASP A 89 -10.46 13.22 -20.48
N ARG A 90 -10.12 12.57 -19.37
CA ARG A 90 -8.70 12.19 -19.14
C ARG A 90 -8.48 10.70 -19.15
N ARG A 91 -7.19 10.33 -19.17
CA ARG A 91 -6.80 8.90 -19.15
C ARG A 91 -6.44 8.48 -17.73
N THR A 92 -6.77 7.23 -17.39
CA THR A 92 -6.43 6.64 -16.10
C THR A 92 -4.89 6.47 -16.02
N PRO A 93 -4.28 6.79 -14.86
CA PRO A 93 -2.83 6.62 -14.76
C PRO A 93 -2.39 5.18 -15.17
N SER A 94 -1.18 5.07 -15.69
CA SER A 94 -0.69 3.76 -16.20
C SER A 94 0.78 3.60 -15.93
N TYR A 95 1.19 2.35 -15.67
CA TYR A 95 2.58 1.93 -15.64
C TYR A 95 2.73 0.88 -16.78
N THR A 96 3.60 1.16 -17.75
CA THR A 96 3.78 0.27 -18.91
C THR A 96 5.22 -0.20 -18.97
N ALA A 97 5.45 -1.51 -18.90
CA ALA A 97 6.82 -2.05 -18.95
C ALA A 97 6.97 -2.93 -20.18
N ILE A 98 8.15 -2.90 -20.76
CA ILE A 98 8.46 -3.88 -21.78
C ILE A 98 9.62 -4.74 -21.24
N LEU A 99 9.42 -6.05 -21.23
CA LEU A 99 10.39 -7.04 -20.69
C LEU A 99 10.90 -7.96 -21.79
N GLU A 100 12.14 -8.40 -21.63
CA GLU A 100 12.73 -9.45 -22.47
C GLU A 100 12.01 -10.75 -22.17
N ARG A 101 12.22 -11.76 -23.02
CA ARG A 101 11.59 -13.08 -22.82
C ARG A 101 12.01 -13.74 -21.49
N ASP A 102 13.20 -13.39 -21.02
CA ASP A 102 13.75 -13.92 -19.77
C ASP A 102 13.31 -13.17 -18.53
N GLY A 103 12.34 -12.26 -18.71
CA GLY A 103 11.84 -11.37 -17.67
C GLY A 103 12.64 -10.12 -17.35
N ASN A 104 13.78 -9.90 -17.97
CA ASN A 104 14.52 -8.69 -17.67
C ASN A 104 13.76 -7.41 -18.12
N LEU A 105 13.68 -6.41 -17.24
CA LEU A 105 13.04 -5.12 -17.61
C LEU A 105 13.90 -4.35 -18.59
N VAL A 106 13.36 -4.11 -19.79
CA VAL A 106 14.05 -3.24 -20.71
C VAL A 106 13.87 -1.80 -20.29
N ILE A 107 12.62 -1.38 -20.10
CA ILE A 107 12.32 0.02 -19.80
C ILE A 107 10.85 0.05 -19.41
N ALA A 108 10.47 1.04 -18.60
CA ALA A 108 9.09 1.21 -18.21
C ALA A 108 8.78 2.70 -18.23
N LEU A 109 7.54 3.01 -18.56
CA LEU A 109 7.06 4.38 -18.61
C LEU A 109 5.84 4.50 -17.67
N ALA A 110 5.93 5.45 -16.76
CA ALA A 110 4.84 5.76 -15.80
C ALA A 110 4.20 7.08 -16.19
N ASP A 111 2.88 7.06 -16.35
CA ASP A 111 2.12 8.29 -16.51
C ASP A 111 1.19 8.46 -15.30
N MET A 112 1.61 9.20 -14.30
CA MET A 112 0.85 9.34 -13.07
C MET A 112 0.22 10.76 -12.90
N ASP A 113 0.21 11.56 -13.97
CA ASP A 113 -0.18 12.96 -13.87
C ASP A 113 -1.59 13.15 -13.38
N LEU A 114 -2.50 12.20 -13.64
CA LEU A 114 -3.89 12.41 -13.21
C LEU A 114 -4.01 12.69 -11.72
N TYR A 115 -3.10 12.11 -10.90
CA TYR A 115 -3.17 12.32 -9.42
C TYR A 115 -3.03 13.78 -9.02
N LYS A 116 -2.37 14.58 -9.86
CA LYS A 116 -2.22 16.03 -9.60
C LYS A 116 -3.56 16.75 -9.57
N LEU A 117 -4.60 16.13 -10.14
CA LEU A 117 -5.95 16.74 -10.11
C LEU A 117 -6.64 16.58 -8.76
N PHE A 118 -6.11 15.69 -7.92
CA PHE A 118 -6.71 15.50 -6.62
C PHE A 118 -6.14 16.57 -5.66
N THR A 119 -6.67 17.77 -5.78
CA THR A 119 -6.13 18.94 -5.09
C THR A 119 -6.82 19.11 -3.72
N PRO A 120 -6.24 19.96 -2.83
CA PRO A 120 -6.97 20.17 -1.54
C PRO A 120 -8.39 20.66 -1.72
N ARG A 121 -8.59 21.54 -2.70
CA ARG A 121 -9.93 22.03 -3.02
C ARG A 121 -10.89 20.90 -3.30
N ARG A 122 -10.46 19.93 -4.09
CA ARG A 122 -11.30 18.80 -4.41
C ARG A 122 -11.50 17.86 -3.23
N LEU A 123 -10.47 17.70 -2.39
CA LEU A 123 -10.56 16.82 -1.24
C LEU A 123 -11.63 17.39 -0.28
N LYS A 124 -11.76 18.70 -0.27
CA LYS A 124 -12.60 19.42 0.72
C LYS A 124 -14.08 19.44 0.35
N VAL A 125 -14.48 18.82 -0.75
CA VAL A 125 -15.90 18.83 -1.15
C VAL A 125 -16.74 18.00 -0.17
N ARG A 126 -18.00 18.39 0.07
CA ARG A 126 -18.84 17.62 0.97
C ARG A 126 -18.81 16.11 0.74
N ALA A 127 -18.83 15.68 -0.52
CA ALA A 127 -18.95 14.26 -0.81
C ALA A 127 -17.79 13.44 -0.24
N VAL A 128 -16.58 14.01 -0.24
CA VAL A 128 -15.40 13.32 0.30
C VAL A 128 -15.48 13.34 1.84
N ARG A 129 -15.87 14.48 2.42
CA ARG A 129 -16.02 14.55 3.88
CA ARG A 129 -16.04 14.59 3.88
C ARG A 129 -17.03 13.55 4.41
N GLU A 130 -18.13 13.36 3.69
CA GLU A 130 -19.15 12.39 4.07
C GLU A 130 -18.61 10.93 3.92
N ALA A 131 -17.82 10.68 2.89
CA ALA A 131 -17.16 9.36 2.79
C ALA A 131 -16.32 9.10 4.04
N ILE A 132 -15.57 10.13 4.43
CA ILE A 132 -14.73 10.06 5.64
C ILE A 132 -15.57 9.76 6.90
N ILE A 133 -16.69 10.47 7.04
CA ILE A 133 -17.52 10.35 8.24
C ILE A 133 -18.18 8.95 8.29
N ALA A 134 -18.43 8.38 7.12
CA ALA A 134 -19.02 7.04 7.01
C ALA A 134 -18.00 5.94 7.32
N SER A 135 -16.72 6.28 7.35
CA SER A 135 -15.66 5.26 7.55
CA SER A 135 -15.68 5.25 7.55
C SER A 135 -15.24 5.16 9.01
N ASP A 136 -14.46 4.13 9.35
CA ASP A 136 -13.91 3.95 10.71
C ASP A 136 -12.38 4.17 10.77
N PHE A 137 -11.72 4.06 9.62
CA PHE A 137 -10.27 4.14 9.53
C PHE A 137 -9.95 4.60 8.10
N LEU A 138 -8.98 5.51 7.96
CA LEU A 138 -8.54 6.05 6.66
C LEU A 138 -7.18 5.50 6.28
N LEU A 139 -6.98 5.34 4.97
CA LEU A 139 -5.67 4.97 4.47
C LEU A 139 -5.37 5.82 3.25
N CYS A 140 -4.19 6.40 3.20
CA CYS A 140 -3.83 7.13 1.98
C CYS A 140 -2.49 6.63 1.49
N ASP A 141 -2.11 7.08 0.31
CA ASP A 141 -0.75 6.85 -0.11
C ASP A 141 -0.17 8.16 -0.66
N ALA A 142 1.15 8.16 -0.82
CA ALA A 142 1.85 9.36 -1.17
C ALA A 142 1.82 9.62 -2.69
N ASN A 143 0.91 8.93 -3.42
CA ASN A 143 0.60 9.31 -4.81
C ASN A 143 -0.17 10.62 -4.89
N LEU A 144 -0.90 10.93 -3.82
CA LEU A 144 -1.67 12.18 -3.76
C LEU A 144 -0.72 13.37 -3.58
N PRO A 145 -1.10 14.55 -4.05
CA PRO A 145 -0.24 15.73 -3.85
C PRO A 145 0.10 16.03 -2.39
N GLU A 146 1.27 16.65 -2.15
CA GLU A 146 1.68 17.03 -0.80
CA GLU A 146 1.70 17.08 -0.82
C GLU A 146 0.60 17.83 -0.06
N ASP A 147 0.11 18.92 -0.64
CA ASP A 147 -0.87 19.73 0.08
C ASP A 147 -2.19 18.99 0.35
N THR A 148 -2.51 18.03 -0.52
CA THR A 148 -3.69 17.21 -0.34
C THR A 148 -3.51 16.29 0.85
N LEU A 149 -2.29 15.76 1.00
CA LEU A 149 -1.97 14.91 2.11
C LEU A 149 -2.07 15.68 3.41
N THR A 150 -1.55 16.90 3.45
CA THR A 150 -1.71 17.72 4.66
C THR A 150 -3.19 18.03 4.99
N ALA A 151 -3.97 18.41 3.97
CA ALA A 151 -5.38 18.72 4.16
C ALA A 151 -6.15 17.50 4.66
N LEU A 152 -5.82 16.34 4.09
CA LEU A 152 -6.37 15.04 4.55
C LEU A 152 -6.06 14.80 6.04
N GLY A 153 -4.81 15.02 6.43
CA GLY A 153 -4.44 14.97 7.86
C GLY A 153 -5.32 15.88 8.75
N LEU A 154 -5.52 17.14 8.35
CA LEU A 154 -6.45 18.04 9.09
C LEU A 154 -7.91 17.50 9.21
N ILE A 155 -8.43 16.93 8.12
CA ILE A 155 -9.79 16.38 8.11
C ILE A 155 -9.91 15.17 9.02
N ALA A 156 -8.95 14.25 8.92
CA ALA A 156 -8.88 13.11 9.83
C ALA A 156 -8.88 13.55 11.30
N ARG A 157 -8.05 14.54 11.61
CA ARG A 157 -8.03 15.14 12.97
C ARG A 157 -9.46 15.56 13.33
N ALA A 158 -10.03 16.50 12.57
CA ALA A 158 -11.32 17.07 12.90
C ALA A 158 -12.43 16.02 13.02
N CYS A 159 -12.34 14.98 12.18
CA CYS A 159 -13.28 13.85 12.19
C CYS A 159 -12.95 12.74 13.20
N GLU A 160 -11.88 12.89 13.96
CA GLU A 160 -11.39 11.81 14.84
C GLU A 160 -11.41 10.44 14.16
N LYS A 161 -10.82 10.40 12.96
CA LYS A 161 -10.61 9.17 12.24
C LYS A 161 -9.13 8.85 12.24
N PRO A 162 -8.77 7.62 12.64
CA PRO A 162 -7.40 7.14 12.49
C PRO A 162 -6.93 7.25 11.05
N LEU A 163 -5.69 7.69 10.85
CA LEU A 163 -5.13 7.77 9.48
C LEU A 163 -3.82 7.00 9.36
N ALA A 164 -3.80 6.06 8.42
CA ALA A 164 -2.58 5.37 7.99
C ALA A 164 -2.13 5.82 6.59
N ALA A 165 -0.87 5.60 6.28
CA ALA A 165 -0.25 6.08 5.06
C ALA A 165 0.77 5.08 4.55
N ILE A 166 0.82 4.93 3.24
CA ILE A 166 1.85 4.14 2.58
C ILE A 166 2.75 5.10 1.80
N ALA A 167 4.05 4.95 1.99
CA ALA A 167 5.06 5.88 1.52
C ALA A 167 5.31 5.85 0.01
N ILE A 168 5.08 4.69 -0.61
CA ILE A 168 5.20 4.41 -2.04
C ILE A 168 6.63 4.36 -2.59
N SER A 169 7.41 5.42 -2.35
CA SER A 169 8.80 5.53 -2.83
C SER A 169 9.54 6.59 -2.00
N PRO A 170 10.91 6.56 -2.00
CA PRO A 170 11.64 7.59 -1.25
C PRO A 170 11.31 9.00 -1.78
N ALA A 171 11.18 9.13 -3.09
CA ALA A 171 10.78 10.39 -3.71
C ALA A 171 9.42 10.91 -3.20
N LYS A 172 8.46 10.00 -3.06
CA LYS A 172 7.09 10.40 -2.71
C LYS A 172 6.91 10.59 -1.21
N ALA A 173 7.61 9.78 -0.40
CA ALA A 173 7.50 9.83 1.06
C ALA A 173 7.56 11.25 1.65
N VAL A 174 8.48 12.07 1.14
CA VAL A 174 8.68 13.45 1.64
C VAL A 174 7.38 14.28 1.65
N LYS A 175 6.46 13.95 0.74
CA LYS A 175 5.16 14.60 0.62
C LYS A 175 4.29 14.46 1.87
N LEU A 176 4.69 13.55 2.76
CA LEU A 176 3.94 13.24 3.99
C LEU A 176 4.37 14.10 5.18
N LYS A 177 5.41 14.92 4.98
CA LYS A 177 6.08 15.63 6.09
C LYS A 177 5.15 16.50 6.95
N ALA A 178 4.33 17.38 6.33
CA ALA A 178 3.40 18.19 7.14
C ALA A 178 2.28 17.34 7.78
N ALA A 179 1.91 16.25 7.12
CA ALA A 179 0.81 15.41 7.58
C ALA A 179 1.24 14.48 8.71
N LEU A 180 2.54 14.39 8.94
CA LEU A 180 3.09 13.42 9.87
C LEU A 180 2.41 13.38 11.20
N GLY A 181 2.22 14.56 11.80
CA GLY A 181 1.54 14.68 13.08
C GLY A 181 0.12 14.16 13.13
N ASP A 182 -0.51 14.02 11.94
CA ASP A 182 -1.88 13.51 11.82
C ASP A 182 -1.98 12.03 11.37
N ILE A 183 -0.83 11.41 11.12
CA ILE A 183 -0.75 10.00 10.67
C ILE A 183 -0.48 9.05 11.85
N ASP A 184 -1.46 8.18 12.14
CA ASP A 184 -1.33 7.20 13.19
C ASP A 184 -0.32 6.11 12.87
N ILE A 185 -0.28 5.66 11.62
CA ILE A 185 0.67 4.60 11.18
C ILE A 185 1.16 4.86 9.76
N LEU A 186 2.46 5.01 9.60
CA LEU A 186 3.08 5.17 8.28
C LEU A 186 3.88 3.94 7.91
N PHE A 187 3.58 3.37 6.76
CA PHE A 187 4.28 2.15 6.30
C PHE A 187 5.37 2.46 5.31
N MET A 188 6.58 2.00 5.60
CA MET A 188 7.70 2.29 4.75
C MET A 188 8.81 1.26 4.85
N ASN A 189 9.72 1.31 3.89
CA ASN A 189 10.94 0.52 3.92
C ASN A 189 12.11 1.42 4.36
N GLU A 190 13.34 0.88 4.45
CA GLU A 190 14.52 1.69 4.86
C GLU A 190 14.76 3.02 4.14
N ALA A 191 14.70 3.00 2.81
CA ALA A 191 14.95 4.17 1.94
C ALA A 191 13.96 5.32 2.13
N GLU A 192 12.69 4.96 2.31
CA GLU A 192 11.62 5.92 2.47
C GLU A 192 11.74 6.59 3.84
N ALA A 193 12.19 5.83 4.84
CA ALA A 193 12.41 6.36 6.17
C ALA A 193 13.52 7.42 6.14
N ARG A 194 14.67 7.08 5.54
CA ARG A 194 15.76 8.06 5.38
C ARG A 194 15.30 9.33 4.65
N ALA A 195 14.56 9.14 3.55
CA ALA A 195 14.08 10.25 2.73
C ALA A 195 13.15 11.22 3.46
N LEU A 196 12.20 10.72 4.22
CA LEU A 196 11.26 11.63 4.88
C LEU A 196 11.83 12.23 6.18
N THR A 197 12.78 11.51 6.79
CA THR A 197 13.31 11.86 8.10
C THR A 197 14.51 12.81 8.04
N GLY A 198 15.28 12.72 6.95
CA GLY A 198 16.51 13.47 6.80
C GLY A 198 17.72 12.61 7.14
N VAL A 204 17.90 -0.50 13.03
CA VAL A 204 16.47 -0.51 12.64
C VAL A 204 15.55 -0.20 13.83
N ARG A 205 15.92 -0.73 14.99
CA ARG A 205 15.26 -0.43 16.24
C ARG A 205 15.36 1.05 16.62
N ASP A 206 16.07 1.84 15.79
CA ASP A 206 16.27 3.26 16.06
C ASP A 206 15.20 4.15 15.46
N TRP A 207 14.52 3.62 14.44
CA TRP A 207 13.57 4.45 13.72
C TRP A 207 12.50 5.12 14.61
N PRO A 208 11.90 4.39 15.59
CA PRO A 208 10.88 5.03 16.46
C PRO A 208 11.25 6.41 17.07
N ASN A 209 12.35 6.53 17.84
CA ASN A 209 12.68 7.85 18.42
C ASN A 209 13.06 8.94 17.39
N ILE A 210 13.81 8.55 16.33
CA ILE A 210 14.08 9.47 15.21
C ILE A 210 12.72 9.93 14.62
N LEU A 211 11.85 8.97 14.36
CA LEU A 211 10.59 9.30 13.72
C LEU A 211 9.59 10.04 14.64
N ARG A 212 9.59 9.77 15.93
CA ARG A 212 8.65 10.43 16.85
C ARG A 212 8.92 11.93 16.98
N LYS A 213 10.20 12.30 17.00
CA LYS A 213 10.58 13.71 17.07
C LYS A 213 10.26 14.38 15.72
N ALA A 214 10.21 13.59 14.64
CA ALA A 214 9.72 14.13 13.36
C ALA A 214 8.21 14.34 13.44
N GLY A 215 7.59 13.86 14.52
CA GLY A 215 6.16 14.11 14.76
C GLY A 215 5.22 12.97 14.38
N LEU A 216 5.81 11.85 13.95
CA LEU A 216 5.05 10.64 13.59
C LEU A 216 4.88 9.77 14.82
N SER A 217 3.65 9.60 15.25
CA SER A 217 3.33 8.85 16.46
C SER A 217 3.42 7.33 16.29
N GLY A 218 3.24 6.83 15.06
CA GLY A 218 3.47 5.42 14.79
C GLY A 218 3.78 5.02 13.36
N GLY A 219 4.36 3.85 13.20
CA GLY A 219 4.70 3.35 11.88
C GLY A 219 5.40 2.00 11.91
N VAL A 220 5.75 1.52 10.72
CA VAL A 220 6.44 0.29 10.47
C VAL A 220 7.58 0.55 9.47
N VAL A 221 8.79 0.10 9.81
CA VAL A 221 9.89 0.22 8.87
C VAL A 221 10.48 -1.17 8.60
N THR A 222 10.55 -1.54 7.33
CA THR A 222 11.10 -2.83 6.95
C THR A 222 12.53 -2.69 6.40
N ARG A 223 13.37 -3.71 6.64
CA ARG A 223 14.72 -3.75 6.07
C ARG A 223 15.12 -5.13 5.54
N GLY A 224 15.37 -5.21 4.23
CA GLY A 224 15.76 -6.46 3.59
C GLY A 224 14.67 -7.52 3.69
N ALA A 225 15.08 -8.79 3.78
CA ALA A 225 14.15 -9.91 3.86
C ALA A 225 13.50 -10.15 5.24
N SER A 226 14.22 -9.80 6.31
CA SER A 226 13.93 -10.32 7.65
C SER A 226 13.94 -9.34 8.86
N GLU A 227 14.22 -8.05 8.66
CA GLU A 227 14.16 -7.11 9.81
C GLU A 227 12.99 -6.11 9.67
N VAL A 228 12.21 -6.00 10.75
CA VAL A 228 11.06 -5.07 10.77
C VAL A 228 10.93 -4.44 12.14
N VAL A 229 10.68 -3.13 12.18
CA VAL A 229 10.39 -2.42 13.41
C VAL A 229 8.97 -1.81 13.34
N ALA A 230 8.21 -1.92 14.43
CA ALA A 230 6.89 -1.30 14.53
C ALA A 230 6.87 -0.42 15.76
N PHE A 231 6.17 0.70 15.71
CA PHE A 231 6.09 1.59 16.87
C PHE A 231 4.75 2.34 16.94
N ASN A 232 4.41 2.79 18.14
CA ASN A 232 3.26 3.68 18.35
C ASN A 232 3.69 4.71 19.39
N GLY A 233 2.73 5.35 20.07
CA GLY A 233 3.04 6.47 20.97
C GLY A 233 3.99 6.21 22.12
N THR A 234 4.14 4.95 22.50
CA THR A 234 4.81 4.62 23.74
C THR A 234 5.61 3.31 23.63
N GLU A 235 5.36 2.55 22.57
CA GLU A 235 5.90 1.21 22.44
C GLU A 235 6.64 0.98 21.12
N LYS A 236 7.56 0.03 21.13
CA LYS A 236 8.15 -0.46 19.88
C LYS A 236 8.37 -1.98 19.97
N ALA A 237 8.36 -2.62 18.81
CA ALA A 237 8.63 -4.04 18.73
C ALA A 237 9.46 -4.34 17.51
N ILE A 238 10.07 -5.52 17.50
CA ILE A 238 10.99 -5.89 16.43
C ILE A 238 10.84 -7.38 16.13
N LEU A 239 11.12 -7.78 14.89
CA LEU A 239 11.09 -9.19 14.52
C LEU A 239 12.45 -9.91 14.69
N HIS A 240 12.42 -11.11 15.27
CA HIS A 240 13.62 -11.95 15.38
C HIS A 240 14.07 -12.50 14.02
N PRO A 241 15.37 -12.84 13.89
CA PRO A 241 15.81 -13.59 12.70
C PRO A 241 15.11 -14.97 12.71
N PRO A 242 14.75 -15.49 11.51
CA PRO A 242 14.08 -16.81 11.43
C PRO A 242 14.95 -17.93 11.97
N LEU A 243 14.34 -18.87 12.70
CA LEU A 243 14.96 -20.16 13.03
C LEU A 243 14.98 -21.01 11.75
N ILE A 244 15.48 -22.24 11.84
CA ILE A 244 15.58 -23.11 10.66
C ILE A 244 14.23 -23.39 9.98
N ARG A 245 13.21 -23.65 10.80
CA ARG A 245 11.89 -24.05 10.33
C ARG A 245 11.07 -22.85 9.84
N GLU A 246 11.51 -21.65 10.18
CA GLU A 246 10.73 -20.43 9.96
C GLU A 246 10.88 -19.76 8.59
N VAL A 247 9.89 -18.95 8.26
CA VAL A 247 9.86 -18.29 6.94
C VAL A 247 10.98 -17.24 6.85
N LYS A 248 11.75 -17.34 5.76
CA LYS A 248 12.98 -16.56 5.54
C LYS A 248 12.78 -15.26 4.78
N ASP A 249 11.55 -14.99 4.35
CA ASP A 249 11.19 -13.71 3.72
C ASP A 249 9.80 -13.32 4.16
N VAL A 250 9.73 -12.19 4.86
CA VAL A 250 8.50 -11.62 5.39
C VAL A 250 8.30 -10.17 4.90
N THR A 251 8.85 -9.86 3.73
CA THR A 251 8.72 -8.51 3.15
C THR A 251 8.30 -8.58 1.65
N GLY A 252 7.40 -7.69 1.24
CA GLY A 252 7.02 -7.61 -0.17
C GLY A 252 7.07 -6.21 -0.74
N ALA A 253 6.33 -6.05 -1.85
CA ALA A 253 6.06 -4.74 -2.46
C ALA A 253 5.65 -3.66 -1.44
N GLY A 254 4.99 -4.08 -0.36
CA GLY A 254 4.66 -3.22 0.75
C GLY A 254 3.19 -3.24 1.14
N ASP A 255 2.35 -3.54 0.15
CA ASP A 255 0.90 -3.61 0.34
C ASP A 255 0.48 -4.65 1.37
N ALA A 256 1.17 -5.80 1.36
CA ALA A 256 0.73 -6.92 2.11
C ALA A 256 1.08 -6.71 3.59
N MET A 257 2.31 -6.31 3.89
CA MET A 257 2.73 -5.98 5.25
CA MET A 257 2.69 -6.00 5.27
C MET A 257 1.75 -4.95 5.86
N ALA A 258 1.53 -3.86 5.12
CA ALA A 258 0.66 -2.77 5.56
C ALA A 258 -0.71 -3.32 5.87
N SER A 259 -1.27 -4.08 4.92
CA SER A 259 -2.60 -4.60 5.08
C SER A 259 -2.72 -5.49 6.29
N GLY A 260 -1.73 -6.39 6.50
CA GLY A 260 -1.80 -7.33 7.61
C GLY A 260 -1.62 -6.62 8.93
N TYR A 261 -0.71 -5.65 8.96
CA TYR A 261 -0.48 -4.87 10.18
C TYR A 261 -1.69 -4.01 10.52
N LEU A 262 -2.20 -3.25 9.55
CA LEU A 262 -3.34 -2.38 9.76
C LEU A 262 -4.55 -3.20 10.11
N ALA A 263 -4.74 -4.37 9.47
CA ALA A 263 -5.84 -5.25 9.86
C ALA A 263 -5.76 -5.64 11.31
N ALA A 264 -4.55 -5.98 11.78
CA ALA A 264 -4.36 -6.32 13.19
C ALA A 264 -4.67 -5.16 14.16
N ILE A 265 -4.17 -3.96 13.85
CA ILE A 265 -4.43 -2.77 14.70
C ILE A 265 -5.93 -2.44 14.74
N ALA A 266 -6.59 -2.53 13.59
CA ALA A 266 -8.00 -2.16 13.46
C ALA A 266 -8.87 -3.13 14.24
N GLU A 267 -8.40 -4.36 14.36
CA GLU A 267 -9.02 -5.37 15.23
C GLU A 267 -8.60 -5.21 16.68
N GLY A 268 -7.73 -4.23 16.94
CA GLY A 268 -7.29 -3.93 18.30
C GLY A 268 -6.30 -4.91 18.92
N LYS A 269 -5.33 -5.37 18.13
CA LYS A 269 -4.27 -6.24 18.65
C LYS A 269 -3.05 -5.39 19.00
N THR A 270 -2.12 -5.95 19.78
CA THR A 270 -0.88 -5.24 20.16
C THR A 270 0.04 -5.05 18.95
N ILE A 271 0.96 -4.08 19.03
CA ILE A 271 1.88 -3.87 17.92
C ILE A 271 2.79 -5.11 17.69
N ARG A 272 3.00 -5.91 18.74
CA ARG A 272 3.78 -7.16 18.61
C ARG A 272 3.00 -8.15 17.75
N GLU A 273 1.72 -8.33 18.08
CA GLU A 273 0.77 -9.13 17.29
C GLU A 273 0.54 -8.59 15.84
N ALA A 274 0.44 -7.27 15.71
CA ALA A 274 0.28 -6.62 14.40
C ALA A 274 1.53 -6.84 13.55
N LEU A 275 2.68 -6.79 14.20
CA LEU A 275 3.94 -7.04 13.51
C LEU A 275 3.96 -8.44 12.88
N ARG A 276 3.62 -9.43 13.70
CA ARG A 276 3.61 -10.83 13.21
C ARG A 276 2.55 -11.08 12.15
N GLN A 277 1.39 -10.42 12.26
CA GLN A 277 0.35 -10.60 11.21
CA GLN A 277 0.34 -10.56 11.23
C GLN A 277 0.78 -9.99 9.89
N GLY A 278 1.40 -8.81 9.95
CA GLY A 278 1.91 -8.13 8.76
C GLY A 278 2.99 -8.98 8.10
N ALA A 279 3.90 -9.52 8.90
CA ALA A 279 4.90 -10.44 8.40
C ALA A 279 4.29 -11.66 7.74
N ALA A 280 3.26 -12.25 8.36
CA ALA A 280 2.58 -13.43 7.78
C ALA A 280 2.02 -13.09 6.40
N ALA A 281 1.32 -11.95 6.37
CA ALA A 281 0.72 -11.46 5.13
C ALA A 281 1.76 -11.22 4.02
N ALA A 282 2.87 -10.57 4.34
CA ALA A 282 3.97 -10.37 3.37
C ALA A 282 4.56 -11.72 2.85
N ALA A 283 4.80 -12.64 3.78
CA ALA A 283 5.40 -13.99 3.50
C ALA A 283 4.50 -14.75 2.53
N ILE A 284 3.18 -14.64 2.71
CA ILE A 284 2.26 -15.38 1.87
C ILE A 284 2.46 -14.92 0.42
N THR A 285 2.65 -13.63 0.23
CA THR A 285 2.74 -13.04 -1.14
C THR A 285 4.08 -13.33 -1.82
N VAL A 286 5.05 -13.84 -1.07
CA VAL A 286 6.40 -14.05 -1.64
C VAL A 286 6.93 -15.46 -1.38
N GLN A 287 6.07 -16.35 -0.91
CA GLN A 287 6.54 -17.71 -0.57
C GLN A 287 6.90 -18.60 -1.79
N SER A 288 6.43 -18.20 -2.98
CA SER A 288 6.92 -18.83 -4.26
C SER A 288 6.97 -17.78 -5.35
N SER A 289 7.64 -18.09 -6.45
CA SER A 289 7.59 -17.26 -7.66
C SER A 289 6.17 -16.91 -8.11
N PHE A 290 5.21 -17.73 -7.72
CA PHE A 290 3.84 -17.62 -8.24
C PHE A 290 2.87 -17.04 -7.20
N ALA A 291 3.39 -16.82 -5.98
CA ALA A 291 2.58 -16.28 -4.89
C ALA A 291 2.17 -14.86 -5.20
N THR A 292 0.96 -14.49 -4.79
CA THR A 292 0.53 -13.11 -4.97
C THR A 292 -0.39 -12.70 -3.82
N SER A 293 -0.76 -11.41 -3.78
CA SER A 293 -1.66 -10.93 -2.73
C SER A 293 -3.08 -11.54 -2.93
N GLN A 294 -3.36 -12.14 -4.09
CA GLN A 294 -4.65 -12.86 -4.22
C GLN A 294 -4.75 -14.04 -3.26
N ASP A 295 -3.61 -14.52 -2.81
CA ASP A 295 -3.57 -15.63 -1.78
C ASP A 295 -3.87 -15.20 -0.33
N LEU A 296 -3.97 -13.88 -0.09
CA LEU A 296 -4.32 -13.34 1.23
C LEU A 296 -5.76 -13.55 1.60
N SER A 297 -5.95 -14.06 2.83
CA SER A 297 -7.26 -14.23 3.44
C SER A 297 -7.01 -14.36 4.94
N LYS A 298 -8.05 -14.25 5.76
CA LYS A 298 -7.86 -14.45 7.20
C LYS A 298 -7.33 -15.86 7.39
N ASP A 299 -7.86 -16.80 6.64
CA ASP A 299 -7.41 -18.18 6.84
C ASP A 299 -5.95 -18.43 6.43
N SER A 300 -5.49 -17.82 5.33
CA SER A 300 -4.12 -18.07 4.93
C SER A 300 -3.14 -17.38 5.88
N VAL A 301 -3.53 -16.23 6.40
CA VAL A 301 -2.68 -15.53 7.35
C VAL A 301 -2.58 -16.41 8.61
N GLU A 302 -3.71 -16.86 9.11
CA GLU A 302 -3.80 -17.83 10.20
C GLU A 302 -2.85 -19.02 9.97
N ALA A 303 -2.81 -19.55 8.74
CA ALA A 303 -1.98 -20.71 8.44
C ALA A 303 -0.46 -20.39 8.40
N MET A 304 -0.10 -19.16 8.02
CA MET A 304 1.30 -18.79 7.88
CA MET A 304 1.29 -18.72 7.87
C MET A 304 1.89 -18.31 9.21
N LEU A 305 1.02 -17.81 10.08
CA LEU A 305 1.48 -17.22 11.34
C LEU A 305 2.42 -18.10 12.19
N GLY A 306 2.16 -19.39 12.27
CA GLY A 306 3.00 -20.30 13.07
C GLY A 306 4.45 -20.39 12.56
N LEU A 307 4.66 -19.95 11.32
CA LEU A 307 5.98 -20.00 10.69
CA LEU A 307 5.97 -20.00 10.66
C LEU A 307 6.73 -18.68 10.80
N VAL A 308 6.01 -17.65 11.27
CA VAL A 308 6.56 -16.31 11.44
C VAL A 308 7.41 -16.24 12.70
N PRO A 309 8.63 -15.70 12.58
CA PRO A 309 9.44 -15.54 13.79
C PRO A 309 8.71 -14.80 14.90
N GLN A 310 9.11 -15.04 16.14
CA GLN A 310 8.59 -14.24 17.27
C GLN A 310 8.94 -12.74 17.21
N ALA A 311 8.11 -11.91 17.84
CA ALA A 311 8.35 -10.47 17.91
C ALA A 311 8.75 -10.13 19.33
N GLU A 312 9.55 -9.08 19.46
CA GLU A 312 10.08 -8.67 20.77
C GLU A 312 9.73 -7.20 21.02
N MET A 313 8.93 -6.94 22.07
CA MET A 313 8.71 -5.56 22.55
C MET A 313 10.04 -5.02 23.07
N LEU A 314 10.25 -3.72 22.91
CA LEU A 314 11.48 -3.06 23.34
C LEU A 314 11.19 -1.79 24.14
#